data_9D6O
#
_entry.id   9D6O
#
_cell.length_a   172.356
_cell.length_b   172.356
_cell.length_c   62.415
_cell.angle_alpha   90.000
_cell.angle_beta   90.000
_cell.angle_gamma   120.000
#
_symmetry.space_group_name_H-M   'P 31 2 1'
#
loop_
_entity.id
_entity.type
_entity.pdbx_description
1 polymer 'DNA polymerase theta'
2 polymer 'DNA Template'
3 polymer 'DNA Primer'
4 non-polymer 'MAGNESIUM ION'
5 non-polymer "2'-3'-DIDEOXYGUANOSINE-5'-TRIPHOSPHATE"
6 non-polymer '2-[3-(2-hydroxyethyl)-2-oxoimidazolidin-1-yl]-4,6-bis(trifluoromethyl)phenyl (4-fluorophenyl)(methyl)carbamate'
#
loop_
_entity_poly.entity_id
_entity_poly.type
_entity_poly.pdbx_seq_one_letter_code
_entity_poly.pdbx_strand_id
1 'polypeptide(L)'
;SSSSESLSIIDVASDQNLFQTFIKEWRCKKRFSISLACEKIRGSGDDTLVVGLAVCWGGRDAYYFSLGGSGGLDPSLTLK
DRMWYLQSCLRKESDKECSVVIYDFIQSYKILLLSCGISLEQSYEDPKVACWLLDPDSQEPTLHSIVTSFLPHELPLLEG
METSQGIQSLGLNAGSEHSGRYRASVESILIFNSMNQLNSLLQKENLQDVFRKVEMPSQYCLALLELNGIGFSTAECESQ
KHIMQAKLDAIETQAYQLAGHSFSFTSSDDIAEVLFLELKLPPGGSGGQFSTSKDVLNKLKALHPLPGLILEWRRITNAI
TKVVFPLQREKCLNPFLGMERIYPVSQSHTATGRITFTEPNIQNVPRDFEIKMGGSGGMPFSISMRHAFVPFPGGSILAA
DYSQLELRILAHLSHDRRLIQVLNTGADVFRSIAAEWKMIEPESVGDDLRQQAKQICYGIIYGMGAKSLGEQMGIKENDA
ACYIDSFKSRYTGINQFMTETVKNCKRDGFVQTILGRRRYLPGIKDNNPYRKAHAERQAINTIVQGSAADIVKIATVNIQ
KQLETFHSTFKSHGHREGMLQSDGGSGGCPIRGGFFILQLHDELLYEVAEEDVVQVAQIVKNEMESAVKLSVKLKVKVKI
GASWGELKDFDV
;
A
2 'polydeoxyribonucleotide'
;(DG)(DC)(DG)(DA)(DG)(DA)(DC)(DT)(DC)(DC)(DG)(DC)(DG)(DC)(DT)(DG)(DC)(DG)(DA)(DC)
(DG)(DT)(DC)(DG)
;
E
3 'polydeoxyribonucleotide' (DC)(DG)(DA)(DC)(DG)(DT)(DC)(DG)(DC)(DA)(DG)(DC)(DG)(DC) F
#
# COMPACT_ATOMS: atom_id res chain seq x y z
N LEU A 7 37.68 -3.05 -10.51
CA LEU A 7 37.38 -1.93 -11.40
C LEU A 7 37.99 -0.64 -10.86
N SER A 8 37.71 0.47 -11.54
CA SER A 8 38.18 1.77 -11.08
C SER A 8 37.42 2.14 -9.81
N ILE A 9 38.09 2.07 -8.67
CA ILE A 9 37.50 2.41 -7.38
C ILE A 9 38.37 3.52 -6.78
N ILE A 10 38.03 4.77 -7.08
CA ILE A 10 38.80 5.89 -6.55
C ILE A 10 38.43 6.08 -5.09
N ASP A 11 39.44 5.98 -4.22
CA ASP A 11 39.26 6.24 -2.79
C ASP A 11 39.51 7.73 -2.58
N VAL A 12 38.44 8.52 -2.76
CA VAL A 12 38.59 9.98 -2.78
C VAL A 12 39.07 10.51 -1.44
N ALA A 13 38.72 9.83 -0.34
CA ALA A 13 39.07 10.29 0.99
C ALA A 13 40.49 9.90 1.41
N SER A 14 41.35 9.53 0.47
CA SER A 14 42.71 9.13 0.79
C SER A 14 43.70 10.30 0.74
N ASP A 15 43.55 11.20 -0.23
CA ASP A 15 44.43 12.35 -0.38
C ASP A 15 43.59 13.61 -0.41
N GLN A 16 44.15 14.69 0.14
CA GLN A 16 43.42 15.95 0.23
C GLN A 16 43.15 16.53 -1.16
N ASN A 17 44.15 16.49 -2.04
CA ASN A 17 43.96 17.01 -3.39
C ASN A 17 43.02 16.11 -4.20
N LEU A 18 43.11 14.80 -4.01
CA LEU A 18 42.21 13.89 -4.70
C LEU A 18 40.77 14.07 -4.23
N PHE A 19 40.58 14.35 -2.94
CA PHE A 19 39.24 14.54 -2.41
C PHE A 19 38.59 15.78 -3.00
N GLN A 20 39.30 16.90 -3.00
CA GLN A 20 38.71 18.15 -3.45
C GLN A 20 38.43 18.13 -4.95
N THR A 21 39.23 17.41 -5.73
CA THR A 21 38.95 17.26 -7.15
C THR A 21 37.69 16.44 -7.38
N PHE A 22 37.39 15.49 -6.48
CA PHE A 22 36.17 14.70 -6.61
C PHE A 22 34.94 15.53 -6.23
N ILE A 23 35.07 16.38 -5.21
CA ILE A 23 33.96 17.25 -4.84
C ILE A 23 33.73 18.32 -5.89
N LYS A 24 34.80 18.79 -6.54
CA LYS A 24 34.66 19.77 -7.60
C LYS A 24 33.92 19.18 -8.80
N GLU A 25 34.32 17.98 -9.22
CA GLU A 25 33.61 17.31 -10.31
C GLU A 25 32.21 16.89 -9.90
N TRP A 26 32.02 16.57 -8.62
CA TRP A 26 30.70 16.18 -8.14
C TRP A 26 29.68 17.30 -8.28
N ARG A 27 30.12 18.55 -8.13
CA ARG A 27 29.22 19.69 -8.16
C ARG A 27 28.81 20.07 -9.57
N CYS A 28 29.53 19.62 -10.60
CA CYS A 28 29.15 19.86 -11.97
C CYS A 28 28.17 18.82 -12.51
N LYS A 29 27.94 17.74 -11.77
CA LYS A 29 27.09 16.65 -12.23
C LYS A 29 25.62 17.02 -12.08
N LYS A 30 24.87 16.89 -13.18
CA LYS A 30 23.42 17.00 -13.15
C LYS A 30 22.76 15.63 -13.06
N ARG A 31 23.54 14.57 -12.83
CA ARG A 31 23.05 13.22 -12.63
C ARG A 31 24.17 12.34 -12.08
N PHE A 32 23.88 11.55 -11.05
CA PHE A 32 24.88 10.68 -10.45
C PHE A 32 24.18 9.55 -9.71
N SER A 33 24.96 8.72 -9.04
CA SER A 33 24.44 7.53 -8.38
C SER A 33 25.02 7.42 -6.97
N ILE A 34 24.29 6.72 -6.12
CA ILE A 34 24.69 6.51 -4.73
C ILE A 34 24.44 5.05 -4.35
N SER A 35 25.34 4.49 -3.55
CA SER A 35 25.16 3.16 -2.98
C SER A 35 25.68 3.20 -1.54
N LEU A 36 24.77 3.21 -0.58
CA LEU A 36 25.16 3.23 0.83
C LEU A 36 25.82 1.92 1.22
N ALA A 37 27.04 1.99 1.73
CA ALA A 37 27.77 0.81 2.17
C ALA A 37 27.52 0.57 3.64
N CYS A 38 27.08 -0.65 3.98
CA CYS A 38 26.81 -1.02 5.36
C CYS A 38 27.50 -2.34 5.69
N GLU A 39 28.13 -2.39 6.86
CA GLU A 39 28.86 -3.56 7.32
C GLU A 39 28.39 -3.93 8.72
N LYS A 40 28.94 -5.03 9.24
CA LYS A 40 28.61 -5.48 10.58
C LYS A 40 29.46 -4.72 11.61
N ILE A 41 29.04 -4.83 12.87
CA ILE A 41 29.79 -4.19 13.95
C ILE A 41 30.99 -5.03 14.35
N ARG A 42 30.83 -6.35 14.36
CA ARG A 42 31.89 -7.29 14.74
C ARG A 42 32.44 -6.98 16.13
N ASP A 47 25.20 -5.75 13.68
CA ASP A 47 24.26 -4.69 13.34
C ASP A 47 24.80 -3.85 12.19
N THR A 48 23.94 -2.98 11.64
CA THR A 48 24.33 -2.16 10.51
C THR A 48 25.19 -0.98 10.96
N LEU A 49 25.98 -0.47 10.01
CA LEU A 49 26.85 0.67 10.25
C LEU A 49 27.35 1.21 8.92
N VAL A 50 26.95 2.43 8.56
CA VAL A 50 27.33 3.03 7.29
C VAL A 50 28.82 3.32 7.29
N VAL A 51 29.60 2.49 6.59
CA VAL A 51 31.04 2.68 6.54
C VAL A 51 31.42 3.73 5.51
N GLY A 52 30.74 3.75 4.38
CA GLY A 52 31.07 4.68 3.33
C GLY A 52 29.95 4.88 2.34
N LEU A 53 30.32 5.38 1.17
CA LEU A 53 29.36 5.69 0.11
C LEU A 53 30.06 5.52 -1.23
N ALA A 54 29.26 5.43 -2.29
CA ALA A 54 29.78 5.25 -3.64
C ALA A 54 29.10 6.22 -4.59
N VAL A 55 29.88 6.83 -5.49
CA VAL A 55 29.39 7.79 -6.46
C VAL A 55 29.87 7.37 -7.85
N CYS A 56 29.03 7.63 -8.84
CA CYS A 56 29.37 7.34 -10.24
C CYS A 56 28.66 8.34 -11.14
N TRP A 57 29.37 8.81 -12.17
CA TRP A 57 28.78 9.67 -13.19
C TRP A 57 28.94 9.10 -14.59
N GLY A 58 29.48 7.90 -14.73
CA GLY A 58 29.67 7.30 -16.02
C GLY A 58 30.77 6.26 -16.00
N GLY A 59 30.68 5.34 -16.96
CA GLY A 59 31.68 4.30 -17.09
C GLY A 59 31.69 3.37 -15.90
N ARG A 60 32.86 2.78 -15.65
CA ARG A 60 33.08 1.86 -14.54
C ARG A 60 33.96 2.49 -13.47
N ASP A 61 33.72 3.78 -13.20
CA ASP A 61 34.47 4.53 -12.20
C ASP A 61 33.60 4.68 -10.96
N ALA A 62 34.11 4.23 -9.81
CA ALA A 62 33.38 4.27 -8.55
C ALA A 62 34.19 5.07 -7.54
N TYR A 63 33.58 6.13 -7.01
CA TYR A 63 34.25 7.08 -6.13
C TYR A 63 33.80 6.82 -4.71
N TYR A 64 34.58 6.00 -3.99
CA TYR A 64 34.21 5.59 -2.65
C TYR A 64 34.42 6.73 -1.65
N PHE A 65 33.41 6.98 -0.83
CA PHE A 65 33.40 8.08 0.13
C PHE A 65 33.46 7.47 1.54
N SER A 66 34.67 7.19 2.00
CA SER A 66 34.85 6.55 3.31
C SER A 66 34.38 7.49 4.42
N LEU A 67 33.56 6.95 5.33
CA LEU A 67 33.02 7.72 6.44
C LEU A 67 33.47 7.15 7.79
N GLY A 68 34.61 6.47 7.80
CA GLY A 68 35.13 5.87 9.02
C GLY A 68 36.57 6.24 9.31
N GLY A 72 44.61 4.85 6.24
CA GLY A 72 44.09 4.75 4.89
C GLY A 72 43.37 6.00 4.44
N LEU A 73 43.24 6.96 5.34
CA LEU A 73 42.58 8.23 5.06
C LEU A 73 43.44 9.38 5.56
N ASP A 74 43.37 10.50 4.85
CA ASP A 74 44.13 11.69 5.22
C ASP A 74 43.64 12.22 6.56
N PRO A 75 44.51 12.33 7.57
CA PRO A 75 44.06 12.88 8.86
C PRO A 75 43.57 14.31 8.78
N SER A 76 44.00 15.08 7.78
CA SER A 76 43.50 16.43 7.60
C SER A 76 42.02 16.44 7.20
N LEU A 77 41.49 15.32 6.72
CA LEU A 77 40.09 15.21 6.33
C LEU A 77 39.33 14.55 7.48
N THR A 78 38.97 15.37 8.46
CA THR A 78 38.19 14.88 9.59
C THR A 78 36.80 14.46 9.12
N LEU A 79 36.22 13.47 9.81
CA LEU A 79 34.89 12.98 9.46
C LEU A 79 33.88 14.12 9.40
N LYS A 80 33.98 15.09 10.30
CA LYS A 80 33.06 16.23 10.28
C LYS A 80 33.28 17.09 9.04
N ASP A 81 34.55 17.30 8.65
CA ASP A 81 34.83 18.01 7.41
C ASP A 81 34.36 17.23 6.21
N ARG A 82 34.39 15.89 6.29
CA ARG A 82 33.89 15.06 5.19
C ARG A 82 32.37 15.14 5.10
N MET A 83 31.68 15.20 6.24
CA MET A 83 30.23 15.22 6.23
C MET A 83 29.68 16.54 5.72
N TRP A 84 30.45 17.63 5.87
CA TRP A 84 30.02 18.91 5.32
C TRP A 84 29.99 18.88 3.80
N TYR A 85 31.05 18.35 3.19
CA TYR A 85 31.07 18.22 1.74
C TYR A 85 30.05 17.20 1.26
N LEU A 86 29.75 16.19 2.08
CA LEU A 86 28.75 15.19 1.70
C LEU A 86 27.37 15.83 1.58
N GLN A 87 26.98 16.63 2.57
CA GLN A 87 25.71 17.32 2.51
C GLN A 87 25.73 18.52 1.56
N SER A 88 26.92 19.07 1.26
CA SER A 88 27.01 20.19 0.34
C SER A 88 26.68 19.78 -1.09
N CYS A 89 26.75 18.48 -1.40
CA CYS A 89 26.47 17.98 -2.74
C CYS A 89 25.15 17.22 -2.84
N LEU A 90 24.54 16.84 -1.71
CA LEU A 90 23.32 16.07 -1.71
C LEU A 90 22.08 16.90 -1.38
N ARG A 91 22.24 18.22 -1.26
CA ARG A 91 21.13 19.11 -0.97
C ARG A 91 20.86 20.02 -2.16
N LYS A 92 19.59 20.41 -2.32
CA LYS A 92 19.18 21.24 -3.44
C LYS A 92 19.52 22.70 -3.18
N GLU A 93 19.86 23.42 -4.25
CA GLU A 93 20.23 24.84 -4.20
C GLU A 93 19.60 25.50 -5.43
N SER A 94 18.30 25.75 -5.36
CA SER A 94 17.52 26.33 -6.45
C SER A 94 17.61 25.39 -7.65
N ASP A 95 17.94 25.87 -8.84
CA ASP A 95 17.98 25.04 -10.05
C ASP A 95 19.32 24.32 -10.15
N LYS A 96 19.49 23.32 -9.27
CA LYS A 96 20.66 22.45 -9.34
C LYS A 96 20.55 21.43 -10.47
N GLU A 97 19.33 21.08 -10.86
CA GLU A 97 19.04 20.12 -11.93
C GLU A 97 19.58 18.73 -11.64
N CYS A 98 19.98 18.45 -10.41
CA CYS A 98 20.59 17.17 -10.08
C CYS A 98 19.51 16.11 -9.88
N SER A 99 19.79 14.91 -10.38
CA SER A 99 18.86 13.78 -10.29
C SER A 99 19.66 12.55 -9.88
N VAL A 100 19.53 12.14 -8.61
CA VAL A 100 20.27 11.01 -8.11
C VAL A 100 19.59 9.70 -8.51
N VAL A 101 20.38 8.63 -8.55
CA VAL A 101 19.90 7.30 -8.90
C VAL A 101 20.33 6.35 -7.78
N ILE A 102 19.37 5.88 -6.99
CA ILE A 102 19.64 4.96 -5.90
C ILE A 102 18.79 3.71 -6.10
N TYR A 103 19.29 2.58 -5.61
CA TYR A 103 18.64 1.30 -5.85
C TYR A 103 17.39 1.10 -5.00
N ASP A 104 17.39 1.59 -3.75
CA ASP A 104 16.25 1.49 -2.86
C ASP A 104 16.04 2.86 -2.22
N PHE A 105 15.30 3.72 -2.92
CA PHE A 105 15.21 5.12 -2.52
C PHE A 105 14.56 5.27 -1.16
N ILE A 106 13.49 4.52 -0.88
CA ILE A 106 12.75 4.72 0.36
C ILE A 106 13.58 4.32 1.57
N GLN A 107 14.39 3.27 1.44
CA GLN A 107 15.20 2.82 2.56
C GLN A 107 16.58 3.47 2.58
N SER A 108 17.06 3.95 1.44
CA SER A 108 18.29 4.75 1.45
C SER A 108 18.04 6.14 1.99
N TYR A 109 16.86 6.70 1.74
CA TYR A 109 16.51 7.99 2.32
C TYR A 109 16.32 7.87 3.83
N LYS A 110 15.93 6.69 4.32
CA LYS A 110 15.76 6.50 5.75
C LYS A 110 17.10 6.25 6.44
N ILE A 111 17.97 5.44 5.86
CA ILE A 111 19.24 5.13 6.48
C ILE A 111 20.14 6.36 6.49
N LEU A 112 20.11 7.15 5.41
CA LEU A 112 20.93 8.36 5.36
C LEU A 112 20.47 9.38 6.41
N LEU A 113 19.15 9.53 6.57
CA LEU A 113 18.63 10.49 7.54
C LEU A 113 18.86 10.02 8.97
N LEU A 114 18.84 8.71 9.22
CA LEU A 114 18.90 8.19 10.57
C LEU A 114 20.29 7.75 11.00
N SER A 115 21.19 7.48 10.06
CA SER A 115 22.55 7.07 10.40
C SER A 115 23.61 8.06 9.95
N CYS A 116 23.22 9.15 9.30
CA CYS A 116 24.16 10.17 8.86
C CYS A 116 23.69 11.60 9.05
N GLY A 117 22.39 11.87 9.08
CA GLY A 117 21.88 13.21 9.23
C GLY A 117 21.63 13.96 7.95
N ILE A 118 21.71 13.30 6.80
CA ILE A 118 21.52 13.93 5.50
C ILE A 118 20.09 13.68 5.07
N SER A 119 19.31 14.75 4.96
CA SER A 119 17.96 14.70 4.40
C SER A 119 18.05 15.07 2.93
N LEU A 120 17.97 14.06 2.07
CA LEU A 120 18.11 14.27 0.64
C LEU A 120 17.08 15.27 0.14
N GLU A 121 17.50 16.12 -0.81
CA GLU A 121 16.60 17.12 -1.37
C GLU A 121 16.72 17.25 -2.88
N GLN A 122 17.48 16.37 -3.53
CA GLN A 122 17.64 16.41 -4.99
C GLN A 122 16.48 15.67 -5.65
N SER A 123 16.56 15.50 -6.97
CA SER A 123 15.62 14.64 -7.67
C SER A 123 16.06 13.18 -7.52
N TYR A 124 15.09 12.28 -7.66
CA TYR A 124 15.32 10.87 -7.37
C TYR A 124 14.91 10.00 -8.55
N GLU A 125 15.63 8.90 -8.74
CA GLU A 125 15.35 7.95 -9.81
C GLU A 125 15.71 6.56 -9.31
N ASP A 126 14.71 5.69 -9.19
CA ASP A 126 14.91 4.33 -8.71
C ASP A 126 14.72 3.36 -9.87
N PRO A 127 15.72 2.54 -10.19
CA PRO A 127 15.54 1.57 -11.28
C PRO A 127 14.44 0.55 -11.03
N LYS A 128 14.19 0.18 -9.77
CA LYS A 128 13.14 -0.80 -9.48
C LYS A 128 11.76 -0.27 -9.84
N VAL A 129 11.53 1.03 -9.62
CA VAL A 129 10.23 1.61 -9.96
C VAL A 129 10.04 1.62 -11.47
N ALA A 130 11.12 1.84 -12.22
CA ALA A 130 11.03 1.83 -13.68
C ALA A 130 10.73 0.44 -14.21
N CYS A 131 11.33 -0.58 -13.59
CA CYS A 131 11.07 -1.96 -14.02
C CYS A 131 9.61 -2.34 -13.81
N TRP A 132 8.99 -1.83 -12.74
CA TRP A 132 7.58 -2.09 -12.52
C TRP A 132 6.69 -1.26 -13.43
N LEU A 133 7.07 0.00 -13.67
CA LEU A 133 6.28 0.86 -14.55
C LEU A 133 6.27 0.36 -15.99
N LEU A 134 7.29 -0.41 -16.39
CA LEU A 134 7.32 -1.00 -17.72
C LEU A 134 6.58 -2.34 -17.79
N ASP A 135 6.36 -2.99 -16.65
CA ASP A 135 5.60 -4.23 -16.58
C ASP A 135 5.13 -4.47 -15.15
N PRO A 136 3.93 -4.01 -14.79
CA PRO A 136 3.45 -4.22 -13.42
C PRO A 136 3.31 -5.67 -13.02
N ASP A 137 3.17 -6.58 -13.98
CA ASP A 137 3.06 -8.01 -13.68
C ASP A 137 4.42 -8.68 -13.51
N SER A 138 5.51 -7.94 -13.60
CA SER A 138 6.84 -8.52 -13.52
C SER A 138 7.19 -8.87 -12.07
N GLN A 139 8.25 -9.66 -11.92
CA GLN A 139 8.73 -10.07 -10.61
C GLN A 139 9.46 -8.90 -9.94
N GLU A 140 9.48 -8.92 -8.61
CA GLU A 140 10.18 -7.92 -7.82
C GLU A 140 11.62 -7.75 -8.32
N PRO A 141 12.01 -6.56 -8.77
CA PRO A 141 13.34 -6.40 -9.36
C PRO A 141 14.46 -6.66 -8.36
N THR A 142 15.49 -7.36 -8.83
CA THR A 142 16.73 -7.54 -8.09
C THR A 142 17.89 -7.03 -8.95
N LEU A 143 19.01 -6.73 -8.28
CA LEU A 143 20.17 -6.23 -9.02
C LEU A 143 20.63 -7.22 -10.08
N HIS A 144 20.42 -8.51 -9.84
CA HIS A 144 20.70 -9.51 -10.86
C HIS A 144 19.61 -9.58 -11.92
N SER A 145 18.40 -9.12 -11.61
CA SER A 145 17.31 -9.10 -12.58
C SER A 145 17.29 -7.82 -13.41
N ILE A 146 17.87 -6.74 -12.91
CA ILE A 146 17.98 -5.52 -13.69
C ILE A 146 19.24 -5.53 -14.56
N VAL A 147 20.31 -6.17 -14.10
CA VAL A 147 21.52 -6.26 -14.91
C VAL A 147 21.34 -7.28 -16.03
N THR A 148 20.76 -8.44 -15.71
CA THR A 148 20.56 -9.46 -16.73
C THR A 148 19.65 -8.96 -17.85
N SER A 149 18.66 -8.14 -17.51
CA SER A 149 17.66 -7.68 -18.47
C SER A 149 18.08 -6.42 -19.21
N PHE A 150 18.78 -5.49 -18.54
CA PHE A 150 19.06 -4.19 -19.12
C PHE A 150 20.54 -3.86 -19.27
N LEU A 151 21.43 -4.53 -18.54
CA LEU A 151 22.87 -4.27 -18.63
C LEU A 151 23.63 -5.59 -18.64
N PRO A 152 23.35 -6.48 -19.61
CA PRO A 152 23.97 -7.81 -19.57
C PRO A 152 25.46 -7.81 -19.82
N HIS A 153 25.99 -6.78 -20.48
CA HIS A 153 27.41 -6.72 -20.78
C HIS A 153 28.27 -6.50 -19.53
N GLU A 154 27.67 -6.17 -18.39
CA GLU A 154 28.39 -6.05 -17.13
C GLU A 154 27.92 -7.10 -16.12
N LEU A 155 27.27 -8.16 -16.58
CA LEU A 155 26.86 -9.23 -15.67
C LEU A 155 28.04 -9.94 -15.02
N PRO A 156 29.20 -10.19 -15.70
CA PRO A 156 30.31 -10.85 -15.00
C PRO A 156 30.85 -10.07 -13.81
N LEU A 157 30.34 -8.87 -13.57
CA LEU A 157 30.74 -8.11 -12.39
C LEU A 157 30.17 -8.73 -11.12
N LEU A 158 28.87 -9.04 -11.12
CA LEU A 158 28.22 -9.68 -9.98
C LEU A 158 28.64 -11.12 -9.79
N GLU A 159 29.61 -11.63 -10.54
CA GLU A 159 30.08 -12.99 -10.36
C GLU A 159 30.66 -13.17 -8.97
N GLY A 160 30.21 -14.21 -8.27
CA GLY A 160 30.58 -14.44 -6.90
C GLY A 160 29.70 -13.74 -5.88
N MET A 161 29.18 -12.56 -6.22
CA MET A 161 28.27 -11.83 -5.34
C MET A 161 26.87 -12.42 -5.49
N GLU A 162 26.63 -13.50 -4.74
CA GLU A 162 25.34 -14.16 -4.74
C GLU A 162 24.24 -13.32 -4.07
N THR A 163 24.62 -12.28 -3.33
CA THR A 163 23.64 -11.41 -2.70
C THR A 163 22.87 -10.57 -3.70
N SER A 164 23.28 -10.54 -4.97
CA SER A 164 22.56 -9.80 -5.99
C SER A 164 21.19 -10.40 -6.30
N GLN A 165 20.93 -11.63 -5.86
CA GLN A 165 19.64 -12.27 -6.08
C GLN A 165 18.66 -12.04 -4.94
N GLY A 166 18.99 -11.14 -4.01
CA GLY A 166 18.07 -10.73 -2.95
C GLY A 166 17.69 -9.28 -3.14
N ILE A 167 16.45 -8.95 -2.80
CA ILE A 167 15.94 -7.60 -3.00
C ILE A 167 16.66 -6.56 -2.14
N GLN A 168 17.41 -7.01 -1.12
CA GLN A 168 18.24 -6.08 -0.37
C GLN A 168 19.35 -5.54 -1.26
N SER A 169 19.61 -4.24 -1.14
CA SER A 169 20.64 -3.61 -1.95
C SER A 169 22.00 -4.25 -1.66
N LEU A 170 22.82 -4.34 -2.71
CA LEU A 170 24.14 -4.97 -2.57
C LEU A 170 25.01 -4.20 -1.58
N GLY A 171 24.91 -2.86 -1.58
CA GLY A 171 25.66 -2.08 -0.63
C GLY A 171 25.12 -2.14 0.78
N LEU A 172 23.81 -2.40 0.91
CA LEU A 172 23.17 -2.47 2.22
C LEU A 172 23.16 -3.88 2.80
N ASN A 173 23.64 -4.87 2.07
CA ASN A 173 23.62 -6.27 2.52
C ASN A 173 24.90 -6.54 3.29
N ALA A 174 24.87 -6.27 4.60
CA ALA A 174 26.03 -6.48 5.45
C ALA A 174 26.34 -7.95 5.67
N GLY A 175 25.42 -8.86 5.34
CA GLY A 175 25.65 -10.28 5.57
C GLY A 175 26.64 -10.90 4.59
N SER A 176 26.90 -10.23 3.47
CA SER A 176 27.83 -10.78 2.49
C SER A 176 29.26 -10.70 3.01
N GLU A 177 30.07 -11.69 2.63
CA GLU A 177 31.46 -11.72 3.04
C GLU A 177 32.31 -10.67 2.34
N HIS A 178 31.85 -10.15 1.22
CA HIS A 178 32.58 -9.09 0.53
C HIS A 178 32.51 -7.79 1.32
N SER A 179 33.52 -6.95 1.12
CA SER A 179 33.59 -5.70 1.86
C SER A 179 32.51 -4.74 1.40
N GLY A 180 32.17 -3.80 2.28
CA GLY A 180 31.18 -2.79 1.94
C GLY A 180 31.64 -1.84 0.85
N ARG A 181 32.94 -1.63 0.74
CA ARG A 181 33.48 -0.80 -0.34
C ARG A 181 33.24 -1.43 -1.70
N TYR A 182 33.59 -2.71 -1.84
CA TYR A 182 33.42 -3.40 -3.11
C TYR A 182 31.94 -3.51 -3.47
N ARG A 183 31.11 -3.86 -2.49
CA ARG A 183 29.68 -4.08 -2.75
C ARG A 183 28.98 -2.80 -3.20
N ALA A 184 29.33 -1.67 -2.60
CA ALA A 184 28.72 -0.40 -2.98
C ALA A 184 29.28 0.11 -4.31
N SER A 185 30.58 -0.06 -4.54
CA SER A 185 31.18 0.39 -5.79
C SER A 185 30.61 -0.37 -6.98
N VAL A 186 30.42 -1.67 -6.83
CA VAL A 186 29.83 -2.48 -7.90
C VAL A 186 28.41 -2.00 -8.20
N GLU A 187 27.62 -1.78 -7.15
CA GLU A 187 26.23 -1.37 -7.35
C GLU A 187 26.13 0.02 -7.93
N SER A 188 27.03 0.92 -7.54
CA SER A 188 26.95 2.32 -7.98
C SER A 188 27.02 2.43 -9.50
N ILE A 189 27.90 1.65 -10.14
CA ILE A 189 28.02 1.74 -11.58
C ILE A 189 26.99 0.86 -12.28
N LEU A 190 26.53 -0.21 -11.63
CA LEU A 190 25.53 -1.07 -12.25
C LEU A 190 24.16 -0.41 -12.29
N ILE A 191 23.83 0.39 -11.26
CA ILE A 191 22.52 1.03 -11.23
C ILE A 191 22.53 2.34 -12.01
N PHE A 192 23.69 2.98 -12.15
CA PHE A 192 23.75 4.23 -12.91
C PHE A 192 23.58 3.95 -14.40
N ASN A 193 24.30 2.96 -14.93
CA ASN A 193 24.20 2.66 -16.35
C ASN A 193 22.90 1.94 -16.68
N SER A 194 22.38 1.11 -15.77
CA SER A 194 21.09 0.48 -16.01
C SER A 194 19.96 1.49 -15.99
N MET A 195 20.10 2.56 -15.20
CA MET A 195 19.08 3.61 -15.20
C MET A 195 19.06 4.37 -16.51
N ASN A 196 20.22 4.56 -17.14
CA ASN A 196 20.26 5.19 -18.46
C ASN A 196 19.56 4.32 -19.50
N GLN A 197 19.63 2.99 -19.35
CA GLN A 197 18.91 2.11 -20.26
C GLN A 197 17.42 2.13 -19.96
N LEU A 198 17.05 2.12 -18.68
CA LEU A 198 15.64 2.18 -18.32
C LEU A 198 15.02 3.52 -18.68
N ASN A 199 15.80 4.61 -18.56
CA ASN A 199 15.30 5.91 -18.98
C ASN A 199 15.10 5.98 -20.48
N SER A 200 15.89 5.23 -21.25
CA SER A 200 15.69 5.19 -22.69
C SER A 200 14.44 4.41 -23.06
N LEU A 201 14.10 3.38 -22.28
CA LEU A 201 12.89 2.61 -22.55
C LEU A 201 11.64 3.35 -22.07
N LEU A 202 11.74 4.09 -20.96
CA LEU A 202 10.60 4.86 -20.48
C LEU A 202 10.28 6.02 -21.42
N GLN A 203 11.31 6.68 -21.94
CA GLN A 203 11.09 7.79 -22.87
C GLN A 203 10.43 7.32 -24.15
N LYS A 204 10.67 6.06 -24.55
CA LYS A 204 10.06 5.52 -25.76
C LYS A 204 8.56 5.30 -25.56
N GLU A 205 8.17 4.72 -24.43
CA GLU A 205 6.78 4.37 -24.17
C GLU A 205 5.99 5.51 -23.54
N ASN A 206 6.48 6.74 -23.64
CA ASN A 206 5.81 7.97 -23.18
C ASN A 206 5.65 8.00 -21.66
N LEU A 207 6.10 6.96 -20.95
CA LEU A 207 5.87 6.83 -19.52
C LEU A 207 6.99 7.41 -18.66
N GLN A 208 7.93 8.14 -19.26
CA GLN A 208 9.00 8.72 -18.46
C GLN A 208 8.47 9.84 -17.56
N ASP A 209 7.49 10.61 -18.05
CA ASP A 209 6.89 11.64 -17.22
C ASP A 209 6.25 11.05 -15.98
N VAL A 210 5.55 9.93 -16.13
CA VAL A 210 4.88 9.29 -15.00
C VAL A 210 5.91 8.84 -13.97
N PHE A 211 7.07 8.37 -14.43
CA PHE A 211 8.10 7.88 -13.52
C PHE A 211 8.67 8.99 -12.64
N ARG A 212 8.61 10.24 -13.08
CA ARG A 212 9.21 11.35 -12.34
C ARG A 212 8.23 12.41 -11.87
N LYS A 213 6.95 12.31 -12.25
CA LYS A 213 5.96 13.30 -11.85
C LYS A 213 4.96 12.80 -10.82
N VAL A 214 4.75 11.48 -10.73
CA VAL A 214 3.75 10.94 -9.82
C VAL A 214 4.27 9.70 -9.10
N GLU A 215 5.01 8.85 -9.80
CA GLU A 215 5.40 7.57 -9.23
C GLU A 215 6.55 7.72 -8.23
N MET A 216 7.72 8.13 -8.69
CA MET A 216 8.84 8.32 -7.78
C MET A 216 8.59 9.37 -6.70
N PRO A 217 7.95 10.51 -6.95
CA PRO A 217 7.61 11.41 -5.84
C PRO A 217 6.55 10.85 -4.90
N SER A 218 5.84 9.78 -5.28
CA SER A 218 4.97 9.10 -4.35
C SER A 218 5.76 8.20 -3.40
N GLN A 219 6.86 7.62 -3.89
CA GLN A 219 7.72 6.82 -3.02
C GLN A 219 8.42 7.70 -1.98
N TYR A 220 8.58 8.99 -2.26
CA TYR A 220 9.11 9.92 -1.26
C TYR A 220 8.13 10.11 -0.12
N CYS A 221 6.85 10.32 -0.44
CA CYS A 221 5.83 10.38 0.59
C CYS A 221 5.68 9.03 1.30
N LEU A 222 5.96 7.94 0.60
CA LEU A 222 5.87 6.62 1.21
C LEU A 222 7.07 6.33 2.12
N ALA A 223 8.21 6.98 1.86
CA ALA A 223 9.33 6.88 2.78
C ALA A 223 9.14 7.77 4.01
N LEU A 224 8.39 8.86 3.86
CA LEU A 224 8.09 9.73 5.00
C LEU A 224 7.14 9.04 5.97
N LEU A 225 6.09 8.41 5.45
CA LEU A 225 5.14 7.71 6.31
C LEU A 225 5.80 6.55 7.05
N GLU A 226 6.87 5.98 6.49
CA GLU A 226 7.54 4.88 7.16
C GLU A 226 8.37 5.37 8.35
N LEU A 227 8.94 6.57 8.25
CA LEU A 227 9.61 7.17 9.39
C LEU A 227 8.61 7.69 10.42
N ASN A 228 7.47 8.19 9.96
CA ASN A 228 6.43 8.67 10.87
C ASN A 228 5.86 7.52 11.69
N GLY A 229 5.33 6.51 11.02
CA GLY A 229 4.70 5.40 11.69
C GLY A 229 3.34 5.75 12.24
N ILE A 230 2.48 4.76 12.38
CA ILE A 230 1.14 4.96 12.93
C ILE A 230 1.19 4.75 14.44
N GLY A 231 0.43 5.56 15.17
CA GLY A 231 0.35 5.40 16.60
C GLY A 231 -0.32 4.10 16.98
N PHE A 232 -0.08 3.68 18.22
CA PHE A 232 -0.62 2.41 18.70
C PHE A 232 -0.75 2.45 20.20
N SER A 233 -1.93 2.10 20.71
CA SER A 233 -2.20 2.04 22.15
C SER A 233 -2.19 0.57 22.55
N THR A 234 -1.09 0.13 23.18
CA THR A 234 -0.98 -1.26 23.61
C THR A 234 -1.98 -1.59 24.71
N ALA A 235 -2.47 -0.59 25.44
CA ALA A 235 -3.46 -0.85 26.49
C ALA A 235 -4.83 -1.09 25.90
N GLU A 236 -5.22 -0.31 24.90
CA GLU A 236 -6.51 -0.53 24.25
C GLU A 236 -6.55 -1.87 23.52
N CYS A 237 -5.40 -2.32 23.01
CA CYS A 237 -5.35 -3.60 22.33
C CYS A 237 -5.58 -4.75 23.30
N GLU A 238 -4.88 -4.73 24.45
CA GLU A 238 -5.01 -5.82 25.41
C GLU A 238 -6.41 -5.85 26.04
N SER A 239 -7.08 -4.70 26.11
CA SER A 239 -8.45 -4.68 26.59
C SER A 239 -9.39 -5.26 25.54
N GLN A 240 -9.28 -4.80 24.30
CA GLN A 240 -10.09 -5.37 23.21
C GLN A 240 -9.76 -6.84 22.99
N LYS A 241 -8.53 -7.24 23.30
CA LYS A 241 -8.14 -8.65 23.18
C LYS A 241 -8.89 -9.51 24.19
N HIS A 242 -8.90 -9.09 25.45
CA HIS A 242 -9.49 -9.91 26.51
C HIS A 242 -10.99 -10.07 26.34
N ILE A 243 -11.67 -9.06 25.79
CA ILE A 243 -13.09 -9.22 25.48
C ILE A 243 -13.28 -10.23 24.36
N MET A 244 -12.35 -10.25 23.40
CA MET A 244 -12.48 -11.16 22.27
C MET A 244 -12.15 -12.60 22.67
N GLN A 245 -11.09 -12.77 23.48
CA GLN A 245 -10.72 -14.12 23.92
C GLN A 245 -11.81 -14.73 24.78
N ALA A 246 -12.48 -13.91 25.60
CA ALA A 246 -13.56 -14.42 26.44
C ALA A 246 -14.72 -14.94 25.61
N LYS A 247 -15.16 -14.15 24.63
CA LYS A 247 -16.20 -14.62 23.72
C LYS A 247 -15.76 -15.88 22.99
N LEU A 248 -14.50 -15.92 22.54
CA LEU A 248 -13.94 -17.14 21.98
C LEU A 248 -13.99 -18.28 23.00
N ASP A 249 -13.69 -17.99 24.26
CA ASP A 249 -13.72 -19.01 25.29
C ASP A 249 -15.15 -19.48 25.57
N ALA A 250 -16.13 -18.59 25.41
CA ALA A 250 -17.52 -18.94 25.63
C ALA A 250 -18.17 -19.55 24.39
N ILE A 251 -17.70 -19.19 23.20
CA ILE A 251 -18.24 -19.78 21.98
C ILE A 251 -17.89 -21.26 21.92
N GLU A 252 -16.69 -21.63 22.37
CA GLU A 252 -16.29 -23.03 22.39
C GLU A 252 -17.17 -23.83 23.36
N THR A 253 -17.38 -23.32 24.56
CA THR A 253 -18.16 -24.05 25.56
C THR A 253 -19.63 -24.14 25.15
N GLN A 254 -20.18 -23.06 24.61
CA GLN A 254 -21.58 -23.07 24.19
C GLN A 254 -21.79 -23.99 22.99
N ALA A 255 -20.88 -23.95 22.03
CA ALA A 255 -21.01 -24.81 20.85
C ALA A 255 -20.81 -26.27 21.21
N TYR A 256 -19.89 -26.56 22.14
CA TYR A 256 -19.63 -27.94 22.52
C TYR A 256 -20.79 -28.55 23.29
N GLN A 257 -21.64 -27.72 23.90
CA GLN A 257 -22.88 -28.22 24.49
C GLN A 257 -23.99 -28.30 23.46
N LEU A 258 -24.00 -27.38 22.49
CA LEU A 258 -25.01 -27.41 21.44
C LEU A 258 -24.90 -28.63 20.54
N ALA A 259 -23.74 -29.28 20.52
CA ALA A 259 -23.55 -30.50 19.74
C ALA A 259 -23.40 -31.74 20.60
N GLY A 260 -23.23 -31.59 21.91
CA GLY A 260 -23.07 -32.70 22.83
C GLY A 260 -21.65 -33.21 22.94
N HIS A 261 -20.83 -33.02 21.90
CA HIS A 261 -19.46 -33.49 21.88
C HIS A 261 -18.54 -32.37 21.41
N SER A 262 -17.25 -32.56 21.66
CA SER A 262 -16.25 -31.58 21.24
C SER A 262 -15.93 -31.75 19.76
N PHE A 263 -15.58 -30.64 19.12
CA PHE A 263 -15.21 -30.66 17.71
C PHE A 263 -14.35 -29.43 17.42
N SER A 264 -13.23 -29.66 16.74
CA SER A 264 -12.34 -28.56 16.40
C SER A 264 -12.96 -27.69 15.32
N PHE A 265 -13.02 -26.39 15.57
CA PHE A 265 -13.58 -25.45 14.61
C PHE A 265 -12.72 -25.30 13.35
N THR A 266 -11.56 -25.94 13.31
CA THR A 266 -10.70 -25.92 12.12
C THR A 266 -10.87 -27.15 11.24
N SER A 267 -11.43 -28.24 11.78
CA SER A 267 -11.60 -29.48 11.03
C SER A 267 -12.97 -29.45 10.36
N SER A 268 -12.99 -29.16 9.06
CA SER A 268 -14.24 -29.16 8.31
C SER A 268 -14.90 -30.53 8.30
N ASP A 269 -14.14 -31.60 8.52
CA ASP A 269 -14.72 -32.94 8.56
C ASP A 269 -15.58 -33.12 9.79
N ASP A 270 -15.06 -32.76 10.97
CA ASP A 270 -15.83 -32.89 12.20
C ASP A 270 -16.81 -31.73 12.42
N ILE A 271 -16.90 -30.80 11.48
CA ILE A 271 -17.92 -29.75 11.51
C ILE A 271 -19.11 -30.13 10.63
N ALA A 272 -18.85 -30.61 9.41
CA ALA A 272 -19.93 -31.07 8.55
C ALA A 272 -20.64 -32.27 9.15
N GLU A 273 -19.94 -33.05 9.98
CA GLU A 273 -20.59 -34.14 10.71
C GLU A 273 -21.65 -33.60 11.66
N VAL A 274 -21.31 -32.56 12.42
CA VAL A 274 -22.24 -32.02 13.39
C VAL A 274 -23.42 -31.35 12.69
N LEU A 275 -23.15 -30.58 11.64
CA LEU A 275 -24.20 -29.78 11.01
C LEU A 275 -25.09 -30.64 10.11
N PHE A 276 -24.53 -31.16 9.02
CA PHE A 276 -25.34 -31.83 8.00
C PHE A 276 -25.81 -33.22 8.44
N LEU A 277 -25.11 -33.87 9.37
CA LEU A 277 -25.44 -35.23 9.77
C LEU A 277 -26.05 -35.28 11.18
N GLU A 278 -25.33 -34.80 12.19
CA GLU A 278 -25.83 -34.91 13.56
C GLU A 278 -27.03 -34.01 13.81
N LEU A 279 -27.08 -32.85 13.14
CA LEU A 279 -28.16 -31.90 13.33
C LEU A 279 -29.17 -31.91 12.19
N LYS A 280 -28.97 -32.76 11.18
CA LYS A 280 -29.89 -32.89 10.05
C LYS A 280 -30.09 -31.56 9.33
N LEU A 281 -29.01 -30.81 9.14
CA LEU A 281 -29.15 -29.53 8.47
C LEU A 281 -29.05 -29.70 6.95
N PRO A 282 -29.76 -28.86 6.20
CA PRO A 282 -29.80 -29.02 4.75
C PRO A 282 -28.47 -28.68 4.11
N PRO A 283 -28.25 -29.12 2.86
CA PRO A 283 -26.99 -28.83 2.15
C PRO A 283 -26.90 -27.37 1.72
N GLY A 288 -20.65 -29.24 -3.76
CA GLY A 288 -22.03 -29.67 -3.97
C GLY A 288 -22.76 -29.97 -2.67
N GLN A 289 -22.04 -30.57 -1.71
CA GLN A 289 -22.62 -30.93 -0.43
C GLN A 289 -21.49 -31.13 0.57
N PHE A 290 -21.87 -31.18 1.85
CA PHE A 290 -20.92 -31.38 2.95
C PHE A 290 -19.81 -30.33 2.95
N SER A 291 -20.14 -29.11 2.54
CA SER A 291 -19.17 -28.03 2.45
C SER A 291 -19.41 -27.05 3.60
N THR A 292 -18.42 -26.93 4.48
CA THR A 292 -18.47 -26.00 5.60
C THR A 292 -17.97 -24.61 5.21
N SER A 293 -18.27 -24.17 4.00
CA SER A 293 -17.82 -22.88 3.53
C SER A 293 -18.55 -21.75 4.26
N LYS A 294 -18.00 -20.54 4.13
CA LYS A 294 -18.63 -19.38 4.76
C LYS A 294 -19.86 -18.92 3.99
N ASP A 295 -19.87 -19.11 2.67
CA ASP A 295 -21.06 -18.80 1.89
C ASP A 295 -22.22 -19.73 2.24
N VAL A 296 -21.92 -20.96 2.65
CA VAL A 296 -22.95 -21.92 3.03
C VAL A 296 -23.36 -21.74 4.49
N LEU A 297 -22.38 -21.53 5.38
CA LEU A 297 -22.68 -21.35 6.80
C LEU A 297 -23.45 -20.07 7.07
N ASN A 298 -23.40 -19.09 6.17
CA ASN A 298 -24.22 -17.89 6.32
C ASN A 298 -25.68 -18.17 5.96
N LYS A 299 -25.92 -19.07 5.01
CA LYS A 299 -27.29 -19.47 4.70
C LYS A 299 -27.86 -20.36 5.80
N LEU A 300 -27.05 -21.27 6.33
CA LEU A 300 -27.46 -22.12 7.45
C LEU A 300 -27.48 -21.37 8.78
N LYS A 301 -27.03 -20.11 8.80
CA LYS A 301 -27.11 -19.30 10.01
C LYS A 301 -28.54 -19.08 10.48
N ALA A 302 -29.51 -19.20 9.58
CA ALA A 302 -30.90 -18.92 9.88
C ALA A 302 -31.65 -20.12 10.45
N LEU A 303 -30.97 -21.24 10.70
CA LEU A 303 -31.64 -22.45 11.14
C LEU A 303 -31.18 -22.95 12.51
N HIS A 304 -29.90 -22.80 12.83
CA HIS A 304 -29.36 -23.31 14.07
C HIS A 304 -28.33 -22.32 14.61
N PRO A 305 -28.22 -22.21 15.94
CA PRO A 305 -27.23 -21.28 16.51
C PRO A 305 -25.79 -21.65 16.21
N LEU A 306 -25.51 -22.88 15.80
CA LEU A 306 -24.12 -23.32 15.61
C LEU A 306 -23.51 -22.78 14.32
N PRO A 307 -24.20 -22.82 13.17
CA PRO A 307 -23.61 -22.21 11.97
C PRO A 307 -23.20 -20.77 12.14
N GLY A 308 -23.89 -20.02 13.01
CA GLY A 308 -23.48 -18.65 13.29
C GLY A 308 -22.38 -18.53 14.31
N LEU A 309 -22.29 -19.51 15.22
CA LEU A 309 -21.24 -19.48 16.24
C LEU A 309 -19.88 -19.86 15.66
N ILE A 310 -19.86 -20.67 14.60
CA ILE A 310 -18.60 -21.01 13.95
C ILE A 310 -18.07 -19.82 13.15
N LEU A 311 -18.96 -19.12 12.46
CA LEU A 311 -18.55 -17.92 11.73
C LEU A 311 -18.01 -16.85 12.69
N GLU A 312 -18.57 -16.77 13.90
CA GLU A 312 -18.02 -15.87 14.90
C GLU A 312 -16.67 -16.36 15.41
N TRP A 313 -16.52 -17.68 15.54
CA TRP A 313 -15.24 -18.24 15.97
C TRP A 313 -14.14 -17.90 14.97
N ARG A 314 -14.47 -17.90 13.67
CA ARG A 314 -13.49 -17.56 12.65
C ARG A 314 -13.19 -16.07 12.62
N ARG A 315 -14.17 -15.24 12.99
CA ARG A 315 -13.95 -13.79 12.98
C ARG A 315 -13.04 -13.36 14.12
N ILE A 316 -13.31 -13.84 15.33
CA ILE A 316 -12.48 -13.47 16.48
C ILE A 316 -11.08 -14.06 16.34
N THR A 317 -10.99 -15.33 15.93
CA THR A 317 -9.68 -15.98 15.80
C THR A 317 -8.80 -15.25 14.79
N ASN A 318 -9.38 -14.83 13.66
CA ASN A 318 -8.61 -14.07 12.68
C ASN A 318 -8.07 -12.78 13.29
N ALA A 319 -8.80 -12.19 14.24
CA ALA A 319 -8.33 -10.97 14.89
C ALA A 319 -7.28 -11.27 15.95
N ILE A 320 -7.59 -12.14 16.90
CA ILE A 320 -6.74 -12.37 18.07
C ILE A 320 -5.50 -13.18 17.71
N THR A 321 -5.28 -13.40 16.42
CA THR A 321 -4.13 -14.19 15.99
C THR A 321 -3.38 -13.52 14.85
N LYS A 322 -4.11 -12.84 13.96
CA LYS A 322 -3.51 -12.29 12.76
C LYS A 322 -3.56 -10.77 12.68
N VAL A 323 -4.10 -10.08 13.68
CA VAL A 323 -4.05 -8.62 13.71
C VAL A 323 -3.69 -8.15 15.12
N VAL A 324 -3.96 -8.97 16.13
CA VAL A 324 -3.68 -8.59 17.51
C VAL A 324 -2.25 -8.97 17.84
N PHE A 325 -1.99 -10.27 17.96
CA PHE A 325 -0.65 -10.74 18.28
C PHE A 325 0.41 -10.23 17.31
N PRO A 326 0.14 -10.07 16.01
CA PRO A 326 1.17 -9.45 15.15
C PRO A 326 1.45 -7.99 15.49
N LEU A 327 0.41 -7.20 15.75
CA LEU A 327 0.62 -5.78 16.03
C LEU A 327 1.35 -5.55 17.35
N GLN A 328 1.08 -6.38 18.36
CA GLN A 328 1.77 -6.27 19.63
C GLN A 328 3.18 -6.85 19.57
N ARG A 329 3.64 -7.28 18.39
CA ARG A 329 5.01 -7.74 18.18
C ARG A 329 5.89 -6.68 17.53
N GLU A 330 5.36 -5.95 16.55
CA GLU A 330 6.12 -4.96 15.81
C GLU A 330 6.06 -3.57 16.42
N LYS A 331 5.51 -3.44 17.63
CA LYS A 331 5.40 -2.13 18.27
C LYS A 331 6.76 -1.68 18.79
N CYS A 332 7.04 -0.40 18.62
CA CYS A 332 8.31 0.19 19.04
C CYS A 332 8.06 1.49 19.79
N LEU A 333 9.04 1.88 20.60
CA LEU A 333 8.95 3.08 21.41
C LEU A 333 9.52 4.27 20.65
N ASN A 334 8.80 5.39 20.68
CA ASN A 334 9.29 6.66 20.15
C ASN A 334 9.56 7.57 21.35
N PRO A 335 10.77 7.52 21.91
CA PRO A 335 11.03 8.30 23.14
C PRO A 335 10.82 9.80 22.97
N PHE A 336 10.99 10.33 21.76
CA PHE A 336 10.78 11.75 21.53
C PHE A 336 9.32 12.12 21.68
N LEU A 337 8.44 11.43 20.96
CA LEU A 337 7.00 11.71 21.01
C LEU A 337 6.31 11.13 22.23
N GLY A 338 6.98 10.26 22.98
CA GLY A 338 6.38 9.65 24.15
C GLY A 338 5.21 8.75 23.79
N MET A 339 5.43 7.82 22.88
CA MET A 339 4.36 6.96 22.38
C MET A 339 4.93 5.59 22.06
N GLU A 340 4.06 4.70 21.59
CA GLU A 340 4.45 3.39 21.10
C GLU A 340 3.80 3.22 19.73
N ARG A 341 4.59 3.45 18.68
CA ARG A 341 4.07 3.53 17.32
C ARG A 341 4.45 2.31 16.50
N ILE A 342 3.51 1.87 15.66
CA ILE A 342 3.76 0.76 14.75
C ILE A 342 4.46 1.28 13.50
N TYR A 343 5.46 0.54 13.03
CA TYR A 343 6.29 0.96 11.89
C TYR A 343 6.12 -0.04 10.76
N PRO A 344 5.14 0.16 9.88
CA PRO A 344 4.92 -0.75 8.76
C PRO A 344 5.94 -0.51 7.64
N VAL A 345 5.84 -1.32 6.60
CA VAL A 345 6.72 -1.24 5.43
C VAL A 345 5.86 -1.04 4.19
N SER A 346 6.31 -0.18 3.29
CA SER A 346 5.56 0.10 2.07
C SER A 346 5.85 -0.95 1.00
N GLN A 347 4.94 -1.05 0.03
CA GLN A 347 5.11 -1.97 -1.08
C GLN A 347 4.22 -1.48 -2.22
N SER A 348 4.83 -0.82 -3.21
CA SER A 348 4.12 -0.29 -4.36
C SER A 348 4.20 -1.21 -5.58
N HIS A 349 4.74 -2.42 -5.42
CA HIS A 349 4.88 -3.36 -6.52
C HIS A 349 3.61 -4.20 -6.66
N THR A 350 2.57 -3.53 -7.17
CA THR A 350 1.28 -4.16 -7.42
C THR A 350 0.88 -3.99 -8.88
N ALA A 351 0.14 -4.96 -9.39
CA ALA A 351 -0.26 -4.95 -10.79
C ALA A 351 -1.23 -3.82 -11.12
N THR A 352 -1.90 -3.25 -10.11
CA THR A 352 -2.85 -2.17 -10.30
C THR A 352 -2.30 -0.81 -9.88
N GLY A 353 -1.05 -0.74 -9.43
CA GLY A 353 -0.48 0.50 -8.95
C GLY A 353 -0.82 0.86 -7.53
N ARG A 354 -1.73 0.12 -6.89
CA ARG A 354 -2.08 0.38 -5.50
C ARG A 354 -0.86 0.20 -4.60
N ILE A 355 -0.98 0.69 -3.38
CA ILE A 355 0.07 0.59 -2.37
C ILE A 355 -0.44 -0.28 -1.24
N THR A 356 0.26 -1.37 -0.96
CA THR A 356 -0.02 -2.24 0.18
C THR A 356 1.09 -2.11 1.21
N PHE A 357 0.84 -2.65 2.39
CA PHE A 357 1.77 -2.56 3.51
C PHE A 357 2.11 -3.94 4.04
N THR A 358 3.29 -4.05 4.63
CA THR A 358 3.79 -5.32 5.14
C THR A 358 4.53 -5.09 6.44
N GLU A 359 4.60 -6.15 7.25
CA GLU A 359 5.36 -6.21 8.50
C GLU A 359 5.08 -5.03 9.42
N PRO A 360 3.87 -4.91 9.97
CA PRO A 360 2.67 -5.70 9.72
C PRO A 360 1.76 -5.01 8.72
N ASN A 361 0.74 -5.69 8.19
CA ASN A 361 -0.22 -5.07 7.29
C ASN A 361 -1.29 -4.37 8.13
N ILE A 362 -1.12 -3.06 8.33
CA ILE A 362 -2.08 -2.28 9.09
C ILE A 362 -3.22 -1.84 8.17
N GLN A 363 -3.22 -2.37 6.95
CA GLN A 363 -4.36 -2.17 6.05
C GLN A 363 -5.44 -3.20 6.29
N ASN A 364 -5.07 -4.41 6.75
CA ASN A 364 -6.02 -5.48 7.02
C ASN A 364 -6.56 -5.43 8.44
N VAL A 365 -6.50 -4.29 9.11
CA VAL A 365 -7.04 -4.16 10.45
C VAL A 365 -8.56 -4.35 10.40
N PRO A 366 -9.14 -5.23 11.22
CA PRO A 366 -10.56 -5.57 11.07
C PRO A 366 -11.47 -4.37 11.30
N ARG A 367 -12.61 -4.39 10.62
CA ARG A 367 -13.60 -3.34 10.78
C ARG A 367 -14.29 -3.47 12.13
N ASP A 368 -15.15 -2.50 12.42
CA ASP A 368 -15.86 -2.48 13.69
C ASP A 368 -16.93 -3.56 13.72
N PHE A 369 -16.81 -4.50 14.67
CA PHE A 369 -17.78 -5.57 14.84
C PHE A 369 -18.15 -5.69 16.31
N GLU A 370 -19.38 -6.12 16.56
CA GLU A 370 -19.92 -6.23 17.90
C GLU A 370 -19.96 -7.68 18.36
N ILE A 371 -19.69 -7.91 19.64
CA ILE A 371 -19.87 -9.20 20.27
C ILE A 371 -20.82 -9.02 21.46
N LYS A 372 -21.73 -9.96 21.64
CA LYS A 372 -22.72 -9.91 22.70
C LYS A 372 -22.38 -10.98 23.73
N MET A 373 -21.91 -10.55 24.89
CA MET A 373 -21.54 -11.44 25.98
C MET A 373 -22.38 -11.15 27.22
N GLY A 374 -22.74 -12.21 27.93
CA GLY A 374 -23.48 -12.10 29.16
C GLY A 374 -24.76 -12.92 29.14
N GLY A 375 -25.38 -12.99 30.31
CA GLY A 375 -26.66 -13.65 30.42
C GLY A 375 -27.76 -12.89 29.71
N SER A 376 -28.90 -13.57 29.54
CA SER A 376 -30.06 -13.03 28.84
C SER A 376 -29.62 -12.69 27.42
N GLY A 377 -29.83 -11.47 26.93
CA GLY A 377 -29.38 -11.11 25.60
C GLY A 377 -27.96 -10.60 25.58
N GLY A 378 -27.14 -11.08 26.51
CA GLY A 378 -25.77 -10.63 26.60
C GLY A 378 -25.70 -9.15 26.91
N MET A 379 -24.65 -8.51 26.39
CA MET A 379 -24.47 -7.08 26.52
C MET A 379 -23.68 -6.64 25.30
N PRO A 380 -24.09 -5.58 24.62
CA PRO A 380 -23.38 -5.15 23.40
C PRO A 380 -21.98 -4.64 23.73
N PHE A 381 -21.00 -5.14 22.99
CA PHE A 381 -19.60 -4.76 23.19
C PHE A 381 -18.97 -4.54 21.81
N SER A 382 -18.70 -3.29 21.47
CA SER A 382 -18.10 -2.96 20.18
C SER A 382 -16.61 -3.26 20.21
N ILE A 383 -16.12 -3.88 19.14
CA ILE A 383 -14.71 -4.23 18.99
C ILE A 383 -14.22 -3.55 17.72
N SER A 384 -13.78 -2.31 17.86
CA SER A 384 -13.15 -1.56 16.77
C SER A 384 -11.64 -1.64 17.00
N MET A 385 -10.96 -2.51 16.25
CA MET A 385 -9.50 -2.61 16.35
C MET A 385 -8.79 -1.49 15.61
N ARG A 386 -9.52 -0.69 14.84
CA ARG A 386 -9.11 0.56 14.23
C ARG A 386 -9.08 1.72 15.25
N HIS A 387 -9.18 1.38 16.54
CA HIS A 387 -9.28 2.36 17.59
C HIS A 387 -8.01 2.49 18.43
N ALA A 388 -7.15 1.47 18.45
CA ALA A 388 -5.89 1.58 19.18
C ALA A 388 -4.89 2.49 18.47
N PHE A 389 -5.10 2.78 17.18
CA PHE A 389 -4.23 3.68 16.44
C PHE A 389 -4.55 5.10 16.86
N VAL A 390 -3.63 5.75 17.56
CA VAL A 390 -3.90 7.03 18.20
C VAL A 390 -2.91 8.10 17.72
N PRO A 391 -3.29 9.38 17.73
CA PRO A 391 -2.33 10.43 17.34
C PRO A 391 -1.35 10.76 18.45
N PHE A 392 -0.52 11.80 18.26
CA PHE A 392 0.41 12.20 19.29
C PHE A 392 -0.30 13.03 20.37
N PRO A 393 0.32 13.20 21.55
CA PRO A 393 -0.29 14.04 22.59
C PRO A 393 -0.71 15.41 22.08
N GLY A 394 -2.02 15.67 22.10
CA GLY A 394 -2.56 16.88 21.53
C GLY A 394 -2.59 16.83 20.02
N GLY A 395 -3.18 15.77 19.47
CA GLY A 395 -3.23 15.60 18.03
C GLY A 395 -4.50 14.91 17.60
N SER A 396 -4.59 14.62 16.31
CA SER A 396 -5.77 14.01 15.72
C SER A 396 -5.35 13.13 14.56
N ILE A 397 -6.33 12.41 14.00
CA ILE A 397 -6.11 11.51 12.88
C ILE A 397 -7.13 11.89 11.80
N LEU A 398 -6.67 12.66 10.81
CA LEU A 398 -7.55 13.17 9.76
C LEU A 398 -7.63 12.15 8.63
N ALA A 399 -8.82 11.58 8.42
CA ALA A 399 -9.06 10.64 7.35
C ALA A 399 -9.98 11.28 6.31
N ALA A 400 -9.64 11.13 5.04
CA ALA A 400 -10.40 11.71 3.95
C ALA A 400 -10.72 10.62 2.93
N ASP A 401 -12.00 10.42 2.66
CA ASP A 401 -12.45 9.41 1.71
C ASP A 401 -12.65 10.02 0.33
N TYR A 402 -12.69 9.14 -0.68
CA TYR A 402 -12.92 9.54 -2.06
C TYR A 402 -14.34 9.24 -2.52
N SER A 403 -15.25 8.95 -1.59
CA SER A 403 -16.63 8.56 -1.89
C SER A 403 -16.57 7.29 -2.73
N GLN A 404 -17.05 7.29 -3.97
CA GLN A 404 -17.05 6.09 -4.83
C GLN A 404 -16.15 6.38 -6.03
N LEU A 405 -14.83 6.33 -5.79
CA LEU A 405 -13.88 6.68 -6.84
C LEU A 405 -13.90 5.67 -7.98
N GLU A 406 -13.90 4.37 -7.65
CA GLU A 406 -13.86 3.34 -8.68
C GLU A 406 -15.14 3.25 -9.48
N LEU A 407 -16.19 3.97 -9.10
CA LEU A 407 -17.41 4.04 -9.90
C LEU A 407 -17.57 5.37 -10.64
N ARG A 408 -17.07 6.47 -10.07
CA ARG A 408 -17.05 7.72 -10.82
C ARG A 408 -16.08 7.65 -11.99
N ILE A 409 -15.03 6.85 -11.87
CA ILE A 409 -14.12 6.63 -13.00
C ILE A 409 -14.83 5.85 -14.09
N LEU A 410 -15.55 4.80 -13.71
CA LEU A 410 -16.36 4.03 -14.66
C LEU A 410 -17.36 4.93 -15.38
N ALA A 411 -17.86 5.95 -14.69
CA ALA A 411 -18.76 6.92 -15.34
C ALA A 411 -18.02 7.77 -16.34
N HIS A 412 -16.74 8.10 -16.08
CA HIS A 412 -15.96 8.89 -17.03
C HIS A 412 -15.52 8.07 -18.24
N LEU A 413 -15.48 6.75 -18.13
CA LEU A 413 -15.05 5.88 -19.22
C LEU A 413 -16.24 5.26 -19.95
N SER A 414 -17.20 4.68 -19.22
CA SER A 414 -18.35 4.07 -19.86
C SER A 414 -19.38 5.10 -20.29
N HIS A 415 -19.45 6.23 -19.59
CA HIS A 415 -20.43 7.29 -19.87
C HIS A 415 -21.86 6.73 -19.83
N ASP A 416 -22.10 5.81 -18.91
CA ASP A 416 -23.43 5.26 -18.73
C ASP A 416 -24.33 6.32 -18.11
N ARG A 417 -25.47 6.58 -18.75
CA ARG A 417 -26.38 7.62 -18.29
C ARG A 417 -27.17 7.21 -17.05
N ARG A 418 -27.06 5.96 -16.62
CA ARG A 418 -27.68 5.50 -15.38
C ARG A 418 -26.74 5.52 -14.19
N LEU A 419 -25.48 5.09 -14.38
CA LEU A 419 -24.51 5.13 -13.30
C LEU A 419 -24.26 6.56 -12.85
N ILE A 420 -24.30 7.53 -13.78
CA ILE A 420 -24.17 8.92 -13.40
C ILE A 420 -25.42 9.41 -12.69
N GLN A 421 -26.57 8.81 -12.99
CA GLN A 421 -27.82 9.24 -12.37
C GLN A 421 -27.85 8.86 -10.89
N VAL A 422 -27.53 7.60 -10.58
CA VAL A 422 -27.48 7.17 -9.19
C VAL A 422 -26.30 7.78 -8.44
N LEU A 423 -25.31 8.31 -9.17
CA LEU A 423 -24.19 8.98 -8.52
C LEU A 423 -24.59 10.37 -8.01
N ASN A 424 -25.32 11.13 -8.83
CA ASN A 424 -25.79 12.45 -8.43
C ASN A 424 -26.97 12.40 -7.47
N THR A 425 -27.63 11.24 -7.35
CA THR A 425 -28.80 11.14 -6.49
C THR A 425 -28.43 11.33 -5.02
N GLY A 426 -27.49 10.53 -4.53
CA GLY A 426 -27.07 10.57 -3.14
C GLY A 426 -27.41 9.32 -2.35
N ALA A 427 -28.14 8.38 -2.93
CA ALA A 427 -28.47 7.14 -2.23
C ALA A 427 -27.25 6.23 -2.17
N ASP A 428 -27.18 5.43 -1.11
CA ASP A 428 -26.12 4.44 -0.95
C ASP A 428 -26.52 3.22 -1.76
N VAL A 429 -26.00 3.15 -3.00
CA VAL A 429 -26.39 2.11 -3.93
C VAL A 429 -26.05 0.72 -3.41
N PHE A 430 -25.09 0.61 -2.50
CA PHE A 430 -24.82 -0.69 -1.88
C PHE A 430 -25.98 -1.10 -0.96
N ARG A 431 -26.54 -0.12 -0.23
CA ARG A 431 -27.73 -0.41 0.55
C ARG A 431 -28.94 -0.67 -0.34
N SER A 432 -29.07 0.09 -1.43
CA SER A 432 -30.19 -0.08 -2.34
C SER A 432 -30.15 -1.43 -3.06
N ILE A 433 -28.98 -2.03 -3.20
CA ILE A 433 -28.89 -3.39 -3.75
C ILE A 433 -29.49 -4.38 -2.76
N ALA A 434 -29.22 -4.19 -1.47
CA ALA A 434 -29.81 -5.06 -0.46
C ALA A 434 -31.29 -4.83 -0.30
N ALA A 435 -31.77 -3.61 -0.59
CA ALA A 435 -33.20 -3.34 -0.56
C ALA A 435 -33.94 -4.13 -1.62
N GLU A 436 -33.32 -4.34 -2.78
CA GLU A 436 -33.91 -5.18 -3.81
C GLU A 436 -33.65 -6.65 -3.54
N TRP A 437 -32.49 -6.98 -2.97
CA TRP A 437 -32.16 -8.36 -2.65
C TRP A 437 -33.06 -8.91 -1.55
N LYS A 438 -32.97 -8.33 -0.36
CA LYS A 438 -33.71 -8.82 0.80
C LYS A 438 -35.15 -8.32 0.85
N MET A 439 -35.57 -7.49 -0.11
CA MET A 439 -36.90 -6.89 -0.10
C MET A 439 -37.15 -6.14 1.21
N ILE A 440 -36.16 -5.33 1.60
CA ILE A 440 -36.19 -4.61 2.86
C ILE A 440 -36.08 -3.12 2.57
N GLU A 441 -36.40 -2.32 3.58
CA GLU A 441 -36.27 -0.87 3.45
C GLU A 441 -34.80 -0.50 3.30
N PRO A 442 -34.48 0.46 2.43
CA PRO A 442 -33.05 0.82 2.24
C PRO A 442 -32.36 1.27 3.51
N GLU A 443 -33.05 2.00 4.38
CA GLU A 443 -32.44 2.47 5.62
C GLU A 443 -32.22 1.33 6.61
N SER A 444 -32.91 0.21 6.46
CA SER A 444 -32.75 -0.93 7.35
C SER A 444 -31.50 -1.75 7.03
N VAL A 445 -30.81 -1.46 5.94
CA VAL A 445 -29.63 -2.22 5.53
C VAL A 445 -28.49 -1.90 6.50
N GLY A 446 -28.10 -2.88 7.31
CA GLY A 446 -26.95 -2.73 8.17
C GLY A 446 -25.65 -2.86 7.40
N ASP A 447 -24.54 -2.65 8.11
CA ASP A 447 -23.23 -2.70 7.47
C ASP A 447 -22.89 -4.11 7.01
N ASP A 448 -23.16 -5.11 7.86
CA ASP A 448 -22.89 -6.51 7.48
C ASP A 448 -23.61 -6.87 6.19
N LEU A 449 -24.82 -6.37 6.01
CA LEU A 449 -25.55 -6.58 4.76
C LEU A 449 -25.11 -5.60 3.68
N ARG A 450 -24.66 -4.41 4.07
CA ARG A 450 -24.12 -3.46 3.10
C ARG A 450 -22.79 -3.93 2.53
N GLN A 451 -21.95 -4.55 3.36
CA GLN A 451 -20.69 -5.08 2.85
C GLN A 451 -20.91 -6.29 1.96
N GLN A 452 -21.84 -7.17 2.35
CA GLN A 452 -22.19 -8.29 1.49
C GLN A 452 -22.75 -7.82 0.15
N ALA A 453 -23.55 -6.74 0.18
CA ALA A 453 -24.07 -6.18 -1.06
C ALA A 453 -23.01 -5.40 -1.83
N LYS A 454 -21.96 -4.93 -1.16
CA LYS A 454 -20.87 -4.27 -1.87
C LYS A 454 -20.10 -5.26 -2.73
N GLN A 455 -19.81 -6.45 -2.19
CA GLN A 455 -19.16 -7.48 -2.98
C GLN A 455 -20.02 -7.89 -4.17
N ILE A 456 -21.34 -7.91 -3.98
CA ILE A 456 -22.25 -8.26 -5.07
C ILE A 456 -22.25 -7.16 -6.13
N CYS A 457 -22.14 -5.89 -5.68
CA CYS A 457 -22.09 -4.78 -6.63
C CYS A 457 -20.84 -4.83 -7.49
N TYR A 458 -19.67 -4.94 -6.85
CA TYR A 458 -18.41 -4.84 -7.59
C TYR A 458 -18.16 -6.10 -8.41
N GLY A 459 -18.48 -7.27 -7.86
CA GLY A 459 -18.23 -8.51 -8.58
C GLY A 459 -19.03 -8.62 -9.85
N ILE A 460 -20.31 -8.23 -9.79
CA ILE A 460 -21.17 -8.33 -10.97
C ILE A 460 -20.67 -7.40 -12.07
N ILE A 461 -20.20 -6.21 -11.69
CA ILE A 461 -19.65 -5.28 -12.67
C ILE A 461 -18.39 -5.86 -13.30
N TYR A 462 -17.56 -6.54 -12.51
CA TYR A 462 -16.26 -7.02 -12.96
C TYR A 462 -16.32 -8.44 -13.52
N GLY A 463 -17.49 -9.05 -13.61
CA GLY A 463 -17.63 -10.32 -14.28
C GLY A 463 -17.91 -11.52 -13.39
N MET A 464 -18.70 -11.32 -12.34
CA MET A 464 -19.07 -12.44 -11.48
C MET A 464 -20.07 -13.35 -12.18
N GLY A 465 -19.82 -14.65 -12.14
CA GLY A 465 -20.72 -15.59 -12.76
C GLY A 465 -21.99 -15.79 -11.95
N ALA A 466 -22.97 -16.41 -12.60
CA ALA A 466 -24.25 -16.68 -11.95
C ALA A 466 -24.14 -17.75 -10.87
N LYS A 467 -23.14 -18.63 -10.97
CA LYS A 467 -22.97 -19.67 -9.96
C LYS A 467 -22.47 -19.09 -8.64
N SER A 468 -21.49 -18.19 -8.70
CA SER A 468 -20.98 -17.56 -7.49
C SER A 468 -21.95 -16.52 -6.94
N LEU A 469 -22.73 -15.89 -7.82
CA LEU A 469 -23.73 -14.93 -7.35
C LEU A 469 -24.82 -15.61 -6.53
N GLY A 470 -25.34 -16.73 -7.03
CA GLY A 470 -26.36 -17.45 -6.30
C GLY A 470 -25.86 -18.05 -5.00
N GLU A 471 -24.59 -18.45 -4.97
CA GLU A 471 -24.01 -18.98 -3.73
C GLU A 471 -23.87 -17.89 -2.69
N GLN A 472 -23.51 -16.67 -3.10
CA GLN A 472 -23.42 -15.55 -2.17
C GLN A 472 -24.81 -15.06 -1.79
N MET A 473 -25.68 -14.87 -2.79
CA MET A 473 -27.04 -14.41 -2.55
C MET A 473 -27.89 -15.45 -1.81
N GLY A 474 -27.44 -16.70 -1.72
CA GLY A 474 -28.23 -17.73 -1.11
C GLY A 474 -29.41 -18.19 -1.93
N ILE A 475 -29.43 -17.87 -3.22
CA ILE A 475 -30.52 -18.26 -4.10
C ILE A 475 -30.00 -19.21 -5.16
N LYS A 476 -30.86 -19.61 -6.09
CA LYS A 476 -30.47 -20.56 -7.12
C LYS A 476 -29.59 -19.87 -8.17
N GLU A 477 -28.96 -20.69 -9.01
CA GLU A 477 -28.13 -20.16 -10.08
C GLU A 477 -28.95 -19.40 -11.11
N ASN A 478 -30.08 -19.98 -11.53
CA ASN A 478 -30.94 -19.32 -12.51
C ASN A 478 -31.66 -18.13 -11.90
N ASP A 479 -31.94 -18.17 -10.60
CA ASP A 479 -32.53 -17.01 -9.93
C ASP A 479 -31.54 -15.85 -9.90
N ALA A 480 -30.26 -16.15 -9.63
CA ALA A 480 -29.24 -15.11 -9.63
C ALA A 480 -28.95 -14.61 -11.05
N ALA A 481 -29.15 -15.47 -12.05
CA ALA A 481 -28.93 -15.04 -13.44
C ALA A 481 -29.91 -13.95 -13.84
N CYS A 482 -31.10 -13.92 -13.24
CA CYS A 482 -32.04 -12.83 -13.50
C CYS A 482 -31.55 -11.52 -12.90
N TYR A 483 -30.78 -11.59 -11.82
CA TYR A 483 -30.19 -10.38 -11.25
C TYR A 483 -29.07 -9.84 -12.13
N ILE A 484 -28.28 -10.73 -12.73
CA ILE A 484 -27.23 -10.29 -13.64
C ILE A 484 -27.83 -9.68 -14.91
N ASP A 485 -28.78 -10.39 -15.52
CA ASP A 485 -29.41 -9.89 -16.74
C ASP A 485 -30.19 -8.60 -16.50
N SER A 486 -30.63 -8.36 -15.26
CA SER A 486 -31.24 -7.07 -14.95
C SER A 486 -30.20 -5.96 -14.96
N PHE A 487 -29.01 -6.22 -14.42
CA PHE A 487 -27.95 -5.23 -14.44
C PHE A 487 -27.55 -4.86 -15.86
N LYS A 488 -27.44 -5.85 -16.73
CA LYS A 488 -27.09 -5.59 -18.13
C LYS A 488 -28.16 -4.74 -18.80
N SER A 489 -29.42 -4.96 -18.46
CA SER A 489 -30.51 -4.19 -19.05
C SER A 489 -30.62 -2.80 -18.43
N ARG A 490 -30.58 -2.72 -17.09
CA ARG A 490 -30.62 -1.46 -16.38
C ARG A 490 -29.49 -0.55 -16.82
N TYR A 491 -28.26 -0.91 -16.42
CA TYR A 491 -27.07 -0.14 -16.76
C TYR A 491 -26.55 -0.66 -18.10
N THR A 492 -26.77 0.10 -19.16
CA THR A 492 -26.41 -0.33 -20.51
C THR A 492 -25.10 0.28 -21.01
N GLY A 493 -24.69 1.43 -20.48
CA GLY A 493 -23.42 2.01 -20.90
C GLY A 493 -22.21 1.35 -20.28
N ILE A 494 -22.40 0.63 -19.17
CA ILE A 494 -21.27 -0.04 -18.51
C ILE A 494 -20.77 -1.20 -19.35
N ASN A 495 -21.66 -1.88 -20.08
CA ASN A 495 -21.27 -3.02 -20.91
C ASN A 495 -20.83 -2.60 -22.31
N GLN A 496 -21.34 -1.47 -22.80
CA GLN A 496 -20.82 -0.92 -24.05
C GLN A 496 -19.32 -0.64 -23.93
N PHE A 497 -18.89 -0.15 -22.76
CA PHE A 497 -17.46 0.08 -22.52
C PHE A 497 -16.74 -1.23 -22.24
N MET A 498 -17.37 -2.15 -21.51
CA MET A 498 -16.72 -3.43 -21.21
C MET A 498 -16.50 -4.24 -22.48
N THR A 499 -17.48 -4.27 -23.38
CA THR A 499 -17.28 -4.95 -24.65
C THR A 499 -16.29 -4.20 -25.54
N GLU A 500 -16.21 -2.87 -25.40
CA GLU A 500 -15.19 -2.10 -26.11
C GLU A 500 -13.83 -2.19 -25.44
N THR A 501 -13.78 -2.49 -24.14
CA THR A 501 -12.50 -2.64 -23.47
C THR A 501 -11.81 -3.93 -23.89
N VAL A 502 -12.54 -5.04 -23.92
CA VAL A 502 -11.98 -6.29 -24.40
C VAL A 502 -11.70 -6.23 -25.89
N LYS A 503 -12.29 -5.27 -26.59
CA LYS A 503 -11.92 -5.02 -27.99
C LYS A 503 -10.55 -4.35 -28.08
N ASN A 504 -10.30 -3.37 -27.23
CA ASN A 504 -9.03 -2.65 -27.27
C ASN A 504 -7.90 -3.44 -26.64
N CYS A 505 -8.21 -4.35 -25.70
CA CYS A 505 -7.18 -5.19 -25.11
C CYS A 505 -6.80 -6.36 -26.00
N LYS A 506 -7.74 -6.83 -26.84
CA LYS A 506 -7.45 -7.92 -27.74
C LYS A 506 -6.61 -7.46 -28.94
N ARG A 507 -6.87 -6.24 -29.43
CA ARG A 507 -6.11 -5.73 -30.56
C ARG A 507 -4.70 -5.32 -30.17
N ASP A 508 -4.51 -4.86 -28.92
CA ASP A 508 -3.24 -4.34 -28.47
C ASP A 508 -2.46 -5.32 -27.60
N GLY A 509 -3.14 -6.01 -26.69
CA GLY A 509 -2.46 -6.84 -25.71
C GLY A 509 -2.11 -6.13 -24.42
N PHE A 510 -2.67 -4.95 -24.18
CA PHE A 510 -2.37 -4.19 -22.98
C PHE A 510 -3.56 -3.29 -22.66
N VAL A 511 -3.70 -2.95 -21.37
CA VAL A 511 -4.70 -2.03 -20.89
C VAL A 511 -3.98 -0.81 -20.33
N GLN A 512 -4.57 0.38 -20.54
CA GLN A 512 -3.93 1.64 -20.19
C GLN A 512 -4.77 2.38 -19.15
N THR A 513 -4.09 2.98 -18.18
CA THR A 513 -4.75 3.70 -17.10
C THR A 513 -4.94 5.16 -17.48
N ILE A 514 -5.35 5.99 -16.51
CA ILE A 514 -5.55 7.41 -16.77
C ILE A 514 -4.22 8.11 -17.05
N LEU A 515 -3.13 7.59 -16.49
CA LEU A 515 -1.81 8.19 -16.64
C LEU A 515 -0.98 7.56 -17.74
N GLY A 516 -1.51 6.53 -18.42
CA GLY A 516 -0.79 5.86 -19.48
C GLY A 516 -0.12 4.56 -19.07
N ARG A 517 -0.16 4.20 -17.79
CA ARG A 517 0.46 2.96 -17.34
C ARG A 517 -0.19 1.76 -18.03
N ARG A 518 0.65 0.81 -18.46
CA ARG A 518 0.21 -0.31 -19.27
C ARG A 518 0.36 -1.61 -18.48
N ARG A 519 -0.74 -2.33 -18.31
CA ARG A 519 -0.71 -3.71 -17.81
C ARG A 519 -0.85 -4.64 -19.00
N TYR A 520 0.10 -5.55 -19.15
CA TYR A 520 0.17 -6.42 -20.32
C TYR A 520 -0.55 -7.73 -20.01
N LEU A 521 -1.63 -8.00 -20.75
CA LEU A 521 -2.47 -9.18 -20.55
C LEU A 521 -2.46 -10.01 -21.82
N PRO A 522 -1.48 -10.90 -22.00
CA PRO A 522 -1.46 -11.75 -23.19
C PRO A 522 -2.44 -12.91 -23.13
N GLY A 523 -2.99 -13.23 -21.97
CA GLY A 523 -3.93 -14.33 -21.83
C GLY A 523 -5.30 -14.08 -22.42
N ILE A 524 -5.55 -12.90 -22.98
CA ILE A 524 -6.85 -12.60 -23.58
C ILE A 524 -7.06 -13.32 -24.90
N LYS A 525 -6.03 -13.97 -25.43
CA LYS A 525 -6.14 -14.74 -26.66
C LYS A 525 -5.95 -16.24 -26.44
N ASP A 526 -5.94 -16.68 -25.18
CA ASP A 526 -5.70 -18.08 -24.88
C ASP A 526 -6.88 -18.95 -25.34
N ASN A 527 -6.59 -20.22 -25.56
CA ASN A 527 -7.61 -21.16 -26.03
C ASN A 527 -8.54 -21.63 -24.92
N ASN A 528 -8.09 -21.60 -23.67
CA ASN A 528 -8.92 -22.03 -22.55
C ASN A 528 -9.95 -20.95 -22.25
N PRO A 529 -11.24 -21.30 -22.13
CA PRO A 529 -12.25 -20.29 -21.80
C PRO A 529 -12.01 -19.60 -20.47
N TYR A 530 -11.48 -20.33 -19.48
CA TYR A 530 -11.15 -19.70 -18.20
C TYR A 530 -10.02 -18.70 -18.35
N ARG A 531 -9.05 -18.98 -19.22
CA ARG A 531 -7.90 -18.10 -19.36
C ARG A 531 -8.28 -16.80 -20.06
N LYS A 532 -9.06 -16.90 -21.14
CA LYS A 532 -9.54 -15.69 -21.80
C LYS A 532 -10.45 -14.88 -20.90
N ALA A 533 -11.23 -15.54 -20.05
CA ALA A 533 -12.12 -14.82 -19.15
C ALA A 533 -11.35 -14.09 -18.06
N HIS A 534 -10.33 -14.74 -17.49
CA HIS A 534 -9.51 -14.10 -16.47
C HIS A 534 -8.91 -12.79 -16.97
N ALA A 535 -8.33 -12.82 -18.17
CA ALA A 535 -7.75 -11.61 -18.75
C ALA A 535 -8.83 -10.62 -19.13
N GLU A 536 -9.95 -11.11 -19.68
CA GLU A 536 -11.07 -10.23 -20.00
C GLU A 536 -11.55 -9.51 -18.75
N ARG A 537 -11.71 -10.24 -17.65
CA ARG A 537 -12.10 -9.63 -16.38
C ARG A 537 -11.00 -8.72 -15.86
N GLN A 538 -9.75 -9.20 -15.87
CA GLN A 538 -8.63 -8.41 -15.36
C GLN A 538 -8.45 -7.12 -16.14
N ALA A 539 -8.82 -7.11 -17.42
CA ALA A 539 -8.70 -5.90 -18.21
C ALA A 539 -9.63 -4.80 -17.73
N ILE A 540 -10.86 -5.17 -17.36
CA ILE A 540 -11.85 -4.18 -16.94
C ILE A 540 -11.52 -3.67 -15.54
N ASN A 541 -11.06 -4.54 -14.66
CA ASN A 541 -10.67 -4.10 -13.32
C ASN A 541 -9.44 -3.20 -13.38
N THR A 542 -8.45 -3.56 -14.17
CA THR A 542 -7.18 -2.83 -14.18
C THR A 542 -7.38 -1.38 -14.64
N ILE A 543 -8.19 -1.18 -15.68
CA ILE A 543 -8.38 0.16 -16.23
C ILE A 543 -9.06 1.08 -15.23
N VAL A 544 -9.82 0.53 -14.28
CA VAL A 544 -10.53 1.34 -13.31
C VAL A 544 -9.91 1.26 -11.91
N GLN A 545 -9.34 0.11 -11.52
CA GLN A 545 -8.65 0.02 -10.24
C GLN A 545 -7.33 0.79 -10.29
N GLY A 546 -6.64 0.74 -11.43
CA GLY A 546 -5.38 1.45 -11.55
C GLY A 546 -5.57 2.94 -11.73
N SER A 547 -6.61 3.34 -12.46
CA SER A 547 -6.90 4.76 -12.60
C SER A 547 -7.24 5.40 -11.26
N ALA A 548 -7.78 4.61 -10.33
CA ALA A 548 -8.06 5.13 -8.99
C ALA A 548 -6.80 5.23 -8.15
N ALA A 549 -5.93 4.21 -8.22
CA ALA A 549 -4.65 4.28 -7.54
C ALA A 549 -3.79 5.43 -8.04
N ASP A 550 -4.00 5.88 -9.28
CA ASP A 550 -3.31 7.07 -9.77
C ASP A 550 -3.88 8.33 -9.13
N ILE A 551 -5.21 8.49 -9.18
CA ILE A 551 -5.87 9.67 -8.62
C ILE A 551 -5.53 9.83 -7.15
N VAL A 552 -5.36 8.71 -6.42
CA VAL A 552 -4.91 8.78 -5.04
C VAL A 552 -3.45 9.24 -4.98
N LYS A 553 -2.59 8.64 -5.80
CA LYS A 553 -1.16 8.93 -5.74
C LYS A 553 -0.88 10.38 -6.14
N ILE A 554 -1.49 10.85 -7.22
CA ILE A 554 -1.26 12.22 -7.65
C ILE A 554 -1.79 13.21 -6.61
N ALA A 555 -2.77 12.79 -5.82
CA ALA A 555 -3.23 13.63 -4.72
C ALA A 555 -2.30 13.51 -3.52
N THR A 556 -1.80 12.30 -3.24
CA THR A 556 -0.91 12.10 -2.10
C THR A 556 0.34 12.97 -2.19
N VAL A 557 0.88 13.14 -3.39
CA VAL A 557 2.09 13.93 -3.56
C VAL A 557 1.79 15.42 -3.47
N ASN A 558 0.69 15.85 -4.09
CA ASN A 558 0.34 17.27 -4.09
C ASN A 558 -0.06 17.77 -2.71
N ILE A 559 -0.51 16.88 -1.82
CA ILE A 559 -0.84 17.28 -0.46
C ILE A 559 0.43 17.52 0.35
N GLN A 560 1.40 16.62 0.24
CA GLN A 560 2.69 16.84 0.89
C GLN A 560 3.43 18.02 0.27
N LYS A 561 3.16 18.32 -1.01
CA LYS A 561 3.78 19.47 -1.65
C LYS A 561 3.29 20.77 -1.03
N GLN A 562 1.97 20.93 -0.91
CA GLN A 562 1.42 22.17 -0.36
C GLN A 562 1.57 22.23 1.15
N LEU A 563 1.59 21.08 1.84
CA LEU A 563 1.94 21.09 3.25
C LEU A 563 3.39 21.53 3.45
N GLU A 564 4.25 21.24 2.48
CA GLU A 564 5.63 21.71 2.50
C GLU A 564 5.76 23.16 2.06
N THR A 565 4.68 23.77 1.55
CA THR A 565 4.70 25.20 1.24
C THR A 565 4.50 26.02 2.51
N PHE A 566 3.30 25.93 3.09
CA PHE A 566 3.03 26.52 4.39
C PHE A 566 3.77 25.72 5.45
N HIS A 567 5.09 25.88 5.50
CA HIS A 567 5.98 24.99 6.25
C HIS A 567 6.77 25.79 7.28
N SER A 568 6.12 26.07 8.41
CA SER A 568 6.81 26.45 9.64
C SER A 568 7.03 25.25 10.55
N THR A 569 7.16 24.07 9.95
CA THR A 569 7.06 22.81 10.68
C THR A 569 8.21 21.89 10.28
N PHE A 570 8.05 20.61 10.56
CA PHE A 570 8.91 19.54 10.07
C PHE A 570 8.14 18.71 9.05
N LYS A 571 8.85 17.87 8.32
CA LYS A 571 8.25 17.05 7.28
C LYS A 571 8.11 15.58 7.64
N SER A 572 8.77 15.13 8.71
CA SER A 572 8.63 13.75 9.16
C SER A 572 9.06 13.66 10.61
N HIS A 573 8.50 12.70 11.33
CA HIS A 573 8.88 12.51 12.72
C HIS A 573 10.32 12.05 12.86
N GLY A 574 10.84 11.34 11.85
CA GLY A 574 12.25 11.00 11.85
C GLY A 574 13.14 12.18 11.50
N HIS A 575 12.64 13.11 10.70
CA HIS A 575 13.40 14.32 10.38
C HIS A 575 13.60 15.16 11.63
N ARG A 576 12.54 15.38 12.40
CA ARG A 576 12.64 16.17 13.63
C ARG A 576 13.30 15.40 14.76
N GLU A 577 13.45 14.08 14.64
CA GLU A 577 14.13 13.31 15.67
C GLU A 577 15.60 13.65 15.77
N GLY A 578 16.19 14.20 14.72
CA GLY A 578 17.60 14.58 14.75
C GLY A 578 17.81 16.05 15.05
N MET A 579 16.87 16.89 14.62
CA MET A 579 16.97 18.32 14.89
C MET A 579 16.83 18.63 16.37
N LEU A 580 16.31 17.70 17.16
CA LEU A 580 16.14 17.90 18.59
C LEU A 580 17.28 17.25 19.37
N CYS A 589 10.46 20.60 21.45
CA CYS A 589 10.12 21.35 20.25
C CYS A 589 8.68 21.08 19.84
N PRO A 590 7.97 22.14 19.45
CA PRO A 590 6.53 21.99 19.13
C PRO A 590 6.33 21.17 17.86
N ILE A 591 5.55 20.10 17.99
CA ILE A 591 5.12 19.31 16.84
C ILE A 591 3.88 20.00 16.28
N ARG A 592 4.07 20.79 15.22
CA ARG A 592 3.00 21.62 14.69
C ARG A 592 2.40 21.11 13.39
N GLY A 593 3.20 20.57 12.48
CA GLY A 593 2.70 20.22 11.17
C GLY A 593 1.95 18.91 11.13
N GLY A 594 1.29 18.68 9.99
CA GLY A 594 0.63 17.43 9.73
C GLY A 594 1.61 16.34 9.33
N PHE A 595 1.12 15.11 9.28
CA PHE A 595 1.98 13.96 9.03
C PHE A 595 1.19 12.89 8.30
N PHE A 596 1.91 12.02 7.60
CA PHE A 596 1.33 10.88 6.90
C PHE A 596 1.53 9.62 7.73
N ILE A 597 0.58 8.70 7.62
CA ILE A 597 0.60 7.48 8.43
C ILE A 597 0.19 6.26 7.61
N LEU A 598 -0.95 6.34 6.93
CA LEU A 598 -1.49 5.19 6.22
C LEU A 598 -2.30 5.67 5.03
N GLN A 599 -2.33 4.84 3.98
CA GLN A 599 -3.09 5.12 2.76
C GLN A 599 -3.92 3.89 2.42
N LEU A 600 -5.23 4.00 2.57
CA LEU A 600 -6.12 2.98 2.03
C LEU A 600 -6.38 3.27 0.56
N HIS A 601 -6.80 2.22 -0.16
CA HIS A 601 -6.86 2.27 -1.62
C HIS A 601 -7.86 3.30 -2.14
N ASP A 602 -8.63 3.96 -1.28
CA ASP A 602 -9.45 5.09 -1.68
C ASP A 602 -9.57 6.12 -0.56
N GLU A 603 -8.66 6.07 0.42
CA GLU A 603 -8.75 6.91 1.60
C GLU A 603 -7.34 7.21 2.10
N LEU A 604 -7.08 8.47 2.41
CA LEU A 604 -5.79 8.91 2.92
C LEU A 604 -5.95 9.33 4.38
N LEU A 605 -5.07 8.81 5.24
CA LEU A 605 -5.09 9.12 6.66
C LEU A 605 -3.88 9.99 7.01
N TYR A 606 -4.12 11.06 7.76
CA TYR A 606 -3.08 11.95 8.23
C TYR A 606 -3.19 12.16 9.72
N GLU A 607 -2.06 12.40 10.37
CA GLU A 607 -1.99 12.64 11.81
C GLU A 607 -1.67 14.13 12.01
N VAL A 608 -2.71 14.95 11.95
CA VAL A 608 -2.54 16.39 12.04
C VAL A 608 -2.40 16.81 13.49
N ALA A 609 -1.80 17.97 13.70
CA ALA A 609 -1.65 18.56 15.03
C ALA A 609 -2.78 19.54 15.31
N GLU A 610 -3.07 19.73 16.60
CA GLU A 610 -4.24 20.51 17.03
C GLU A 610 -4.27 21.89 16.40
N GLU A 611 -3.12 22.55 16.31
CA GLU A 611 -3.10 23.95 15.89
C GLU A 611 -3.61 24.13 14.46
N ASP A 612 -3.35 23.16 13.60
CA ASP A 612 -3.67 23.29 12.18
C ASP A 612 -4.46 22.09 11.68
N VAL A 613 -5.41 21.60 12.47
CA VAL A 613 -6.32 20.57 11.99
C VAL A 613 -7.16 21.10 10.83
N VAL A 614 -7.47 22.39 10.84
CA VAL A 614 -8.35 22.96 9.83
C VAL A 614 -7.60 23.23 8.53
N GLN A 615 -6.35 23.70 8.63
CA GLN A 615 -5.58 24.01 7.43
C GLN A 615 -5.29 22.75 6.62
N VAL A 616 -4.79 21.70 7.28
CA VAL A 616 -4.44 20.47 6.57
C VAL A 616 -5.67 19.85 5.94
N ALA A 617 -6.78 19.79 6.68
CA ALA A 617 -8.03 19.27 6.13
C ALA A 617 -8.45 20.05 4.88
N GLN A 618 -8.14 21.34 4.84
CA GLN A 618 -8.46 22.12 3.65
C GLN A 618 -7.53 21.78 2.50
N ILE A 619 -6.25 21.51 2.79
CA ILE A 619 -5.32 21.14 1.73
C ILE A 619 -5.59 19.71 1.26
N VAL A 620 -5.88 18.80 2.19
CA VAL A 620 -6.09 17.41 1.82
C VAL A 620 -7.32 17.27 0.92
N LYS A 621 -8.34 18.07 1.17
CA LYS A 621 -9.58 18.00 0.39
C LYS A 621 -9.55 18.85 -0.87
N ASN A 622 -8.87 19.99 -0.83
CA ASN A 622 -8.73 20.81 -2.03
C ASN A 622 -7.90 20.10 -3.09
N GLU A 623 -6.87 19.37 -2.66
CA GLU A 623 -5.99 18.68 -3.61
C GLU A 623 -6.56 17.35 -4.07
N MET A 624 -7.29 16.64 -3.20
CA MET A 624 -7.86 15.37 -3.60
C MET A 624 -8.94 15.54 -4.67
N GLU A 625 -9.56 16.72 -4.73
CA GLU A 625 -10.50 17.03 -5.81
C GLU A 625 -9.79 17.60 -7.02
N SER A 626 -8.80 18.47 -6.80
CA SER A 626 -8.03 19.07 -7.89
C SER A 626 -6.93 18.16 -8.42
N ALA A 627 -6.89 16.90 -7.98
CA ALA A 627 -5.88 15.98 -8.47
C ALA A 627 -6.09 15.67 -9.95
N VAL A 628 -7.34 15.41 -10.35
CA VAL A 628 -7.68 15.13 -11.73
C VAL A 628 -8.97 15.89 -12.07
N LYS A 629 -9.27 15.95 -13.36
CA LYS A 629 -10.49 16.58 -13.86
C LYS A 629 -11.23 15.55 -14.71
N LEU A 630 -12.31 15.00 -14.15
CA LEU A 630 -13.12 14.00 -14.82
C LEU A 630 -14.48 14.59 -15.20
N SER A 631 -15.23 13.81 -15.97
CA SER A 631 -16.60 14.22 -16.30
C SER A 631 -17.45 14.36 -15.05
N VAL A 632 -17.34 13.39 -14.13
CA VAL A 632 -17.99 13.48 -12.84
C VAL A 632 -17.01 14.09 -11.85
N LYS A 633 -17.42 15.17 -11.19
CA LYS A 633 -16.57 15.83 -10.22
C LYS A 633 -16.36 14.93 -9.00
N LEU A 634 -15.13 14.93 -8.48
CA LEU A 634 -14.75 14.02 -7.41
C LEU A 634 -15.25 14.53 -6.08
N LYS A 635 -16.03 13.70 -5.37
CA LYS A 635 -16.48 14.03 -4.03
C LYS A 635 -15.52 13.46 -3.00
N VAL A 636 -15.18 14.29 -2.01
CA VAL A 636 -14.26 13.91 -0.94
C VAL A 636 -14.93 14.19 0.40
N LYS A 637 -14.85 13.23 1.31
CA LYS A 637 -15.44 13.36 2.64
C LYS A 637 -14.33 13.32 3.68
N VAL A 638 -14.17 14.41 4.42
CA VAL A 638 -13.12 14.55 5.41
C VAL A 638 -13.68 14.21 6.78
N LYS A 639 -12.93 13.41 7.55
CA LYS A 639 -13.29 13.03 8.90
C LYS A 639 -12.11 13.30 9.82
N ILE A 640 -12.37 13.31 11.13
CA ILE A 640 -11.36 13.70 12.10
C ILE A 640 -11.73 13.08 13.44
N GLY A 641 -10.71 12.77 14.24
CA GLY A 641 -10.96 12.21 15.56
C GLY A 641 -9.65 11.91 16.26
N ALA A 642 -9.78 11.16 17.36
CA ALA A 642 -8.63 10.74 18.16
C ALA A 642 -8.28 9.26 17.94
N SER A 643 -8.83 8.67 16.89
CA SER A 643 -8.56 7.26 16.55
C SER A 643 -9.06 7.02 15.14
N TRP A 644 -8.48 5.99 14.50
CA TRP A 644 -8.92 5.59 13.18
C TRP A 644 -10.34 5.00 13.22
N GLY A 645 -10.79 4.59 14.40
CA GLY A 645 -12.16 4.12 14.56
C GLY A 645 -13.07 5.17 15.16
N GLU A 646 -12.52 6.05 16.00
CA GLU A 646 -13.27 7.14 16.62
C GLU A 646 -13.20 8.39 15.73
N LEU A 647 -13.76 8.27 14.53
CA LEU A 647 -13.74 9.34 13.54
C LEU A 647 -15.12 9.97 13.41
N LYS A 648 -15.15 11.29 13.28
CA LYS A 648 -16.37 12.03 13.08
C LYS A 648 -16.16 13.06 11.97
N ASP A 649 -17.26 13.48 11.35
CA ASP A 649 -17.19 14.34 10.18
C ASP A 649 -16.60 15.70 10.52
N PHE A 650 -16.01 16.34 9.51
CA PHE A 650 -15.41 17.65 9.65
C PHE A 650 -15.87 18.53 8.49
N ASP A 651 -16.05 19.82 8.78
CA ASP A 651 -16.72 20.71 7.82
C ASP A 651 -15.78 21.20 6.73
N VAL A 652 -14.52 21.48 7.07
CA VAL A 652 -13.53 22.04 6.14
C VAL A 652 -14.00 23.39 5.60
#